data_4IDD
#
_entry.id   4IDD
#
_cell.length_a   70.104
_cell.length_b   70.104
_cell.length_c   174.740
_cell.angle_alpha   90.000
_cell.angle_beta   90.000
_cell.angle_gamma   90.000
#
_symmetry.space_group_name_H-M   'P 43 21 2'
#
loop_
_entity.id
_entity.type
_entity.pdbx_description
1 polymer 'Ripening-induced protein'
2 non-polymer 'NADPH DIHYDRO-NICOTINAMIDE-ADENINE-DINUCLEOTIDE PHOSPHATE'
3 non-polymer (2R)-2-ethyl-4-hydroxy-5-methylfuran-3(2H)-one
4 non-polymer 'SULFATE ION'
5 non-polymer 1,2-ETHANEDIOL
6 water water
#
_entity_poly.entity_id   1
_entity_poly.type   'polypeptide(L)'
_entity_poly.pdbx_seq_one_letter_code
;MASWSHPQFEKGAAAPSESIPSVNKAWVYSEYGKTSDVLKFDPSVAVPEIKEDQVLIKVVAASLNPVDFKRALGYFKDTD
SPLPTIPGYDVAGVVVKVGSQVTKFKVGDEVYGDLNETALVNPTRFGSLAEYTAADERVLAHKPKNLSFIEAASLPLAIE
TAHEGLERAELSAGKSVLVLGGAGGVGTHIIQLAKHVFGASKVAATASTKKLDLLRTLGADLAIDYTKENFEDLPEKFDV
VYDAVGETDKAVKAVKEGGKVVTIVGPATPPAILFVLTSKGSVLEKLKPYLESGKVKPVLDPTSPYPFTKVVEAFGYLES
SRATGKVVVYPI
;
_entity_poly.pdbx_strand_id   A
#
# COMPACT_ATOMS: atom_id res chain seq x y z
N GLY A 12 -6.89 13.31 -25.22
CA GLY A 12 -5.49 12.90 -24.90
C GLY A 12 -4.66 12.52 -26.12
N ALA A 13 -4.27 13.52 -26.93
CA ALA A 13 -3.23 13.34 -27.96
C ALA A 13 -1.86 13.27 -27.27
N ALA A 14 -0.86 12.67 -27.91
CA ALA A 14 0.50 12.60 -27.35
C ALA A 14 1.02 13.99 -26.92
N ALA A 15 1.76 14.04 -25.82
CA ALA A 15 2.52 15.22 -25.45
C ALA A 15 3.64 15.43 -26.50
N PRO A 16 4.06 16.71 -26.74
CA PRO A 16 5.26 16.91 -27.59
C PRO A 16 6.46 16.20 -26.96
N SER A 17 7.18 15.38 -27.74
CA SER A 17 8.14 14.42 -27.15
C SER A 17 9.27 15.13 -26.40
N GLU A 18 9.65 16.32 -26.90
CA GLU A 18 10.65 17.12 -26.22
C GLU A 18 10.09 17.73 -24.92
N SER A 19 8.79 17.63 -24.68
CA SER A 19 8.25 18.08 -23.38
C SER A 19 8.44 17.12 -22.20
N ILE A 20 8.82 15.89 -22.50
CA ILE A 20 9.11 14.90 -21.48
C ILE A 20 10.60 14.86 -21.26
N PRO A 21 11.05 15.10 -20.02
CA PRO A 21 12.54 15.10 -19.79
C PRO A 21 13.15 13.69 -19.82
N SER A 22 14.46 13.63 -20.09
CA SER A 22 15.13 12.32 -20.05
C SER A 22 15.84 12.14 -18.74
N VAL A 23 15.93 13.19 -17.91
CA VAL A 23 16.50 13.09 -16.54
C VAL A 23 15.58 13.87 -15.59
N ASN A 24 15.61 13.48 -14.32
CA ASN A 24 14.76 14.03 -13.30
C ASN A 24 15.28 13.76 -11.90
N LYS A 25 14.69 14.41 -10.93
CA LYS A 25 15.07 14.22 -9.54
CA LYS A 25 15.07 14.23 -9.52
C LYS A 25 14.44 12.92 -9.00
N ALA A 26 15.21 12.25 -8.13
CA ALA A 26 14.70 11.03 -7.49
C ALA A 26 15.54 10.72 -6.25
N TRP A 27 14.95 9.88 -5.41
CA TRP A 27 15.68 9.27 -4.28
C TRP A 27 16.17 7.86 -4.75
N VAL A 28 17.43 7.53 -4.38
CA VAL A 28 18.12 6.38 -4.93
C VAL A 28 18.99 5.76 -3.85
N TYR A 29 19.01 4.42 -3.83
CA TYR A 29 20.08 3.76 -3.09
C TYR A 29 20.85 2.84 -4.00
N SER A 30 22.15 2.78 -3.78
CA SER A 30 23.10 2.04 -4.61
CA SER A 30 23.07 2.00 -4.61
C SER A 30 23.62 0.74 -3.93
N GLU A 31 23.32 0.57 -2.65
CA GLU A 31 23.67 -0.64 -1.86
C GLU A 31 22.61 -0.84 -0.85
N TYR A 32 22.40 -2.08 -0.39
CA TYR A 32 21.44 -2.36 0.60
C TYR A 32 21.85 -1.85 1.99
N GLY A 33 20.85 -1.51 2.79
CA GLY A 33 21.09 -1.07 4.13
C GLY A 33 19.91 -0.31 4.71
N LYS A 34 20.16 0.36 5.83
CA LYS A 34 19.16 1.19 6.53
C LYS A 34 18.91 2.44 5.63
N THR A 35 17.67 2.90 5.56
CA THR A 35 17.42 4.12 4.76
C THR A 35 18.14 5.32 5.24
N SER A 36 18.38 5.39 6.54
CA SER A 36 19.14 6.50 7.12
C SER A 36 20.60 6.53 6.61
N ASP A 37 21.10 5.39 6.15
CA ASP A 37 22.44 5.27 5.63
C ASP A 37 22.51 5.30 4.12
N VAL A 38 21.62 4.61 3.41
CA VAL A 38 21.85 4.40 1.98
C VAL A 38 20.98 5.26 1.07
N LEU A 39 19.86 5.78 1.57
CA LEU A 39 18.93 6.52 0.74
C LEU A 39 19.38 7.97 0.51
N LYS A 40 19.70 8.28 -0.75
CA LYS A 40 20.27 9.56 -1.16
C LYS A 40 19.43 10.24 -2.22
N PHE A 41 19.50 11.56 -2.25
CA PHE A 41 18.79 12.31 -3.27
C PHE A 41 19.76 12.47 -4.43
N ASP A 42 19.23 12.28 -5.63
CA ASP A 42 20.01 12.42 -6.84
C ASP A 42 19.25 13.40 -7.78
N PRO A 43 19.87 14.55 -8.09
CA PRO A 43 19.17 15.56 -8.88
C PRO A 43 19.00 15.28 -10.35
N SER A 44 19.65 14.22 -10.83
CA SER A 44 19.68 13.91 -12.26
CA SER A 44 19.60 13.90 -12.26
C SER A 44 19.80 12.41 -12.49
N VAL A 45 18.69 11.71 -12.36
CA VAL A 45 18.64 10.29 -12.69
CA VAL A 45 18.59 10.27 -12.67
C VAL A 45 17.78 10.14 -13.94
N ALA A 46 18.01 9.06 -14.67
CA ALA A 46 17.19 8.77 -15.85
C ALA A 46 15.73 8.61 -15.55
N VAL A 47 14.95 9.20 -16.44
CA VAL A 47 13.52 8.93 -16.56
C VAL A 47 13.40 7.56 -17.29
N PRO A 48 12.63 6.62 -16.68
CA PRO A 48 12.51 5.36 -17.41
C PRO A 48 11.84 5.50 -18.78
N GLU A 49 12.30 4.71 -19.74
CA GLU A 49 11.65 4.50 -21.01
C GLU A 49 10.53 3.50 -20.77
N ILE A 50 9.40 3.73 -21.36
CA ILE A 50 8.23 2.85 -21.20
C ILE A 50 8.25 1.70 -22.18
N LYS A 51 7.72 0.57 -21.67
CA LYS A 51 7.39 -0.54 -22.51
C LYS A 51 6.05 -0.33 -23.19
N GLU A 52 5.68 -1.21 -24.06
CA GLU A 52 4.52 -0.96 -24.92
C GLU A 52 3.23 -1.07 -24.13
N ASP A 53 3.25 -1.79 -23.02
CA ASP A 53 2.08 -1.94 -22.15
C ASP A 53 2.10 -1.12 -20.89
N GLN A 54 2.92 -0.05 -20.93
CA GLN A 54 3.07 0.88 -19.80
C GLN A 54 2.73 2.33 -20.25
N VAL A 55 2.57 3.16 -19.22
CA VAL A 55 2.39 4.57 -19.38
C VAL A 55 3.48 5.22 -18.56
N LEU A 56 3.87 6.41 -18.99
CA LEU A 56 4.69 7.31 -18.18
C LEU A 56 3.78 8.27 -17.41
N ILE A 57 4.04 8.39 -16.12
CA ILE A 57 3.28 9.22 -15.17
C ILE A 57 4.17 10.35 -14.66
N LYS A 58 3.65 11.58 -14.72
CA LYS A 58 4.18 12.69 -13.92
C LYS A 58 3.66 12.48 -12.52
N VAL A 59 4.56 12.11 -11.62
CA VAL A 59 4.21 11.83 -10.21
C VAL A 59 3.78 13.08 -9.51
N VAL A 60 2.64 13.00 -8.83
CA VAL A 60 2.20 14.06 -7.95
C VAL A 60 2.45 13.74 -6.49
N ALA A 61 2.13 12.53 -6.11
CA ALA A 61 2.34 12.05 -4.73
C ALA A 61 2.69 10.58 -4.73
N ALA A 62 3.35 10.15 -3.65
CA ALA A 62 3.72 8.74 -3.51
C ALA A 62 3.50 8.37 -2.06
N SER A 63 3.16 7.11 -1.80
CA SER A 63 3.15 6.62 -0.40
C SER A 63 4.29 5.70 -0.14
N LEU A 64 4.67 5.60 1.10
CA LEU A 64 5.68 4.64 1.59
C LEU A 64 4.94 3.43 2.17
N ASN A 65 5.58 2.31 2.00
CA ASN A 65 5.13 1.02 2.59
C ASN A 65 6.29 0.33 3.28
N PRO A 66 6.04 -0.50 4.28
CA PRO A 66 7.16 -1.25 4.88
C PRO A 66 7.99 -2.02 3.87
N VAL A 67 7.37 -2.55 2.84
CA VAL A 67 8.12 -3.31 1.82
C VAL A 67 9.26 -2.43 1.25
N ASP A 68 9.06 -1.13 1.14
CA ASP A 68 10.15 -0.27 0.62
C ASP A 68 11.40 -0.41 1.49
N PHE A 69 11.30 -0.30 2.81
CA PHE A 69 12.49 -0.37 3.65
C PHE A 69 13.04 -1.81 3.79
N LYS A 70 12.14 -2.80 3.79
CA LYS A 70 12.57 -4.18 3.90
C LYS A 70 13.33 -4.58 2.61
N ARG A 71 12.83 -4.11 1.49
CA ARG A 71 13.50 -4.33 0.18
C ARG A 71 14.89 -3.65 0.22
N ALA A 72 14.93 -2.41 0.75
CA ALA A 72 16.20 -1.66 0.78
C ALA A 72 17.20 -2.27 1.72
N LEU A 73 16.75 -3.02 2.75
CA LEU A 73 17.64 -3.77 3.61
C LEU A 73 18.21 -5.03 2.94
N GLY A 74 17.70 -5.36 1.74
CA GLY A 74 18.16 -6.53 1.01
C GLY A 74 17.43 -7.81 1.32
N TYR A 75 16.28 -7.71 1.94
CA TYR A 75 15.55 -8.94 2.37
C TYR A 75 15.12 -9.78 1.19
N PHE A 76 14.89 -9.19 0.01
CA PHE A 76 14.33 -9.87 -1.12
C PHE A 76 15.40 -9.87 -2.25
N LYS A 77 16.69 -9.76 -1.93
CA LYS A 77 17.75 -9.62 -2.91
C LYS A 77 17.78 -10.65 -4.04
N ASP A 78 17.41 -11.91 -3.75
CA ASP A 78 17.53 -12.99 -4.67
C ASP A 78 16.57 -12.88 -5.85
N THR A 79 15.49 -12.10 -5.71
CA THR A 79 14.52 -11.87 -6.79
C THR A 79 14.28 -10.41 -7.08
N ASP A 80 15.12 -9.52 -6.52
CA ASP A 80 15.04 -8.07 -6.75
C ASP A 80 15.55 -7.74 -8.14
N SER A 81 15.25 -6.51 -8.55
CA SER A 81 15.83 -5.94 -9.73
C SER A 81 17.23 -5.40 -9.42
N PRO A 82 18.05 -5.13 -10.43
CA PRO A 82 19.43 -4.66 -10.14
C PRO A 82 19.45 -3.27 -9.51
N LEU A 83 20.33 -3.13 -8.54
CA LEU A 83 20.71 -1.81 -8.04
C LEU A 83 21.46 -1.01 -9.07
N PRO A 84 21.46 0.32 -8.89
CA PRO A 84 20.72 1.12 -7.93
C PRO A 84 19.21 1.12 -8.11
N THR A 85 18.51 1.42 -7.03
CA THR A 85 17.04 1.41 -7.01
C THR A 85 16.49 2.78 -6.62
N ILE A 86 15.45 3.20 -7.33
CA ILE A 86 14.64 4.32 -6.90
C ILE A 86 13.41 3.72 -6.21
N PRO A 87 13.25 3.86 -4.89
CA PRO A 87 12.13 3.20 -4.20
C PRO A 87 10.76 3.86 -4.44
N GLY A 88 9.70 3.20 -3.95
CA GLY A 88 8.34 3.71 -3.89
C GLY A 88 7.52 2.81 -4.82
N TYR A 89 6.53 2.17 -4.20
CA TYR A 89 5.54 1.35 -4.93
C TYR A 89 4.30 2.13 -5.28
N ASP A 90 3.75 2.86 -4.35
CA ASP A 90 2.49 3.59 -4.54
C ASP A 90 2.68 4.92 -5.26
N VAL A 91 1.81 5.20 -6.22
CA VAL A 91 1.91 6.43 -7.01
C VAL A 91 0.51 7.00 -7.29
N ALA A 92 0.39 8.33 -7.38
CA ALA A 92 -0.74 8.98 -8.02
C ALA A 92 -0.18 10.10 -8.87
N GLY A 93 -0.70 10.28 -10.05
CA GLY A 93 -0.21 11.35 -10.89
C GLY A 93 -0.94 11.42 -12.21
N VAL A 94 -0.32 12.03 -13.22
CA VAL A 94 -0.97 12.35 -14.48
C VAL A 94 -0.22 11.64 -15.61
N VAL A 95 -0.93 10.92 -16.47
CA VAL A 95 -0.32 10.28 -17.61
C VAL A 95 0.21 11.33 -18.59
N VAL A 96 1.46 11.14 -19.00
CA VAL A 96 2.13 11.96 -20.01
C VAL A 96 2.54 11.27 -21.29
N LYS A 97 2.49 9.92 -21.30
CA LYS A 97 2.84 9.14 -22.47
C LYS A 97 2.23 7.76 -22.29
N VAL A 98 1.79 7.21 -23.41
CA VAL A 98 1.20 5.87 -23.39
C VAL A 98 1.91 5.00 -24.41
N GLY A 99 2.15 3.76 -23.98
CA GLY A 99 2.75 2.77 -24.86
C GLY A 99 1.80 2.31 -25.95
N SER A 100 2.33 1.74 -27.04
CA SER A 100 1.56 1.39 -28.19
C SER A 100 0.53 0.27 -28.04
N GLN A 101 0.61 -0.50 -26.92
CA GLN A 101 -0.40 -1.47 -26.65
C GLN A 101 -1.41 -1.02 -25.61
N VAL A 102 -1.26 0.17 -25.08
CA VAL A 102 -2.17 0.64 -24.05
C VAL A 102 -3.50 1.11 -24.59
N THR A 103 -4.59 0.63 -23.98
CA THR A 103 -5.95 0.95 -24.39
C THR A 103 -6.77 1.66 -23.33
N LYS A 104 -6.41 1.55 -22.07
CA LYS A 104 -7.27 2.00 -21.00
C LYS A 104 -7.02 3.44 -20.59
N PHE A 105 -5.85 3.99 -20.98
CA PHE A 105 -5.45 5.30 -20.51
C PHE A 105 -5.02 6.12 -21.69
N LYS A 106 -5.23 7.44 -21.55
CA LYS A 106 -4.70 8.44 -22.48
C LYS A 106 -3.92 9.51 -21.72
N VAL A 107 -3.13 10.25 -22.50
CA VAL A 107 -2.44 11.43 -21.99
C VAL A 107 -3.41 12.37 -21.33
N GLY A 108 -3.04 12.78 -20.10
CA GLY A 108 -3.83 13.64 -19.27
C GLY A 108 -4.69 12.94 -18.24
N ASP A 109 -4.84 11.61 -18.36
CA ASP A 109 -5.62 10.91 -17.35
C ASP A 109 -4.95 10.99 -16.00
N GLU A 110 -5.73 11.18 -14.95
CA GLU A 110 -5.27 11.14 -13.60
C GLU A 110 -5.42 9.67 -13.10
N VAL A 111 -4.31 9.12 -12.67
CA VAL A 111 -4.21 7.69 -12.34
C VAL A 111 -3.55 7.46 -11.02
N TYR A 112 -3.74 6.23 -10.49
CA TYR A 112 -3.06 5.78 -9.29
C TYR A 112 -2.94 4.26 -9.32
N GLY A 113 -1.98 3.77 -8.54
CA GLY A 113 -1.78 2.37 -8.39
C GLY A 113 -0.50 2.04 -7.68
N ASP A 114 -0.30 0.74 -7.44
CA ASP A 114 0.92 0.15 -6.91
C ASP A 114 1.69 -0.43 -8.09
N LEU A 115 2.86 0.20 -8.34
CA LEU A 115 3.61 -0.10 -9.53
C LEU A 115 3.96 -1.57 -9.77
N ASN A 116 4.17 -2.34 -8.70
CA ASN A 116 4.79 -3.65 -8.85
C ASN A 116 3.76 -4.76 -8.75
N GLU A 117 3.46 -5.39 -9.86
CA GLU A 117 2.48 -6.50 -9.89
C GLU A 117 2.83 -7.55 -8.84
N THR A 118 4.08 -7.96 -8.75
CA THR A 118 4.58 -8.97 -7.81
C THR A 118 5.61 -8.27 -6.93
N ALA A 119 5.25 -7.91 -5.71
CA ALA A 119 6.07 -7.09 -4.88
C ALA A 119 7.49 -7.57 -4.72
N LEU A 120 7.67 -8.87 -4.58
CA LEU A 120 8.97 -9.42 -4.22
C LEU A 120 9.73 -9.91 -5.41
N VAL A 121 9.16 -9.93 -6.59
CA VAL A 121 9.78 -10.54 -7.78
C VAL A 121 9.87 -9.50 -8.87
N ASN A 122 11.10 -9.09 -9.18
CA ASN A 122 11.36 -8.05 -10.20
C ASN A 122 10.58 -6.76 -10.08
N PRO A 123 10.48 -6.19 -8.86
CA PRO A 123 9.90 -4.83 -8.77
C PRO A 123 10.78 -3.90 -9.60
N THR A 124 10.19 -2.83 -10.07
CA THR A 124 10.90 -1.90 -10.97
C THR A 124 12.15 -1.29 -10.37
N ARG A 125 13.14 -1.00 -11.22
CA ARG A 125 14.24 -0.18 -10.80
C ARG A 125 13.82 1.26 -10.58
N PHE A 126 12.76 1.68 -11.24
CA PHE A 126 12.37 3.09 -11.30
C PHE A 126 11.03 3.32 -10.59
N GLY A 127 11.09 3.48 -9.27
CA GLY A 127 9.94 3.60 -8.43
C GLY A 127 9.22 4.96 -8.48
N SER A 128 8.36 5.19 -7.52
CA SER A 128 7.50 6.37 -7.49
C SER A 128 8.11 7.57 -6.78
N LEU A 129 9.25 7.43 -6.10
CA LEU A 129 9.92 8.56 -5.44
C LEU A 129 10.86 9.24 -6.43
N ALA A 130 10.22 9.79 -7.46
CA ALA A 130 10.85 10.40 -8.61
C ALA A 130 9.80 11.30 -9.27
N GLU A 131 10.25 12.27 -10.07
CA GLU A 131 9.28 13.16 -10.72
C GLU A 131 8.45 12.47 -11.79
N TYR A 132 8.99 11.45 -12.44
CA TYR A 132 8.32 10.65 -13.44
C TYR A 132 8.56 9.17 -13.17
N THR A 133 7.60 8.31 -13.51
CA THR A 133 7.78 6.88 -13.38
C THR A 133 6.98 6.17 -14.49
N ALA A 134 7.39 4.93 -14.83
CA ALA A 134 6.70 4.07 -15.77
C ALA A 134 5.90 3.04 -15.04
N ALA A 135 4.68 2.86 -15.46
CA ALA A 135 3.74 1.94 -14.84
C ALA A 135 3.04 1.11 -15.84
N ASP A 136 2.91 -0.20 -15.52
CA ASP A 136 2.10 -1.10 -16.29
C ASP A 136 0.62 -0.64 -16.30
N GLU A 137 0.01 -0.64 -17.45
CA GLU A 137 -1.41 -0.36 -17.56
C GLU A 137 -2.21 -1.23 -16.54
N ARG A 138 -1.81 -2.48 -16.37
CA ARG A 138 -2.59 -3.41 -15.56
C ARG A 138 -2.63 -3.09 -14.10
N VAL A 139 -1.67 -2.31 -13.59
CA VAL A 139 -1.67 -1.96 -12.16
C VAL A 139 -2.42 -0.68 -11.83
N LEU A 140 -2.82 0.09 -12.85
CA LEU A 140 -3.41 1.40 -12.64
C LEU A 140 -4.93 1.42 -12.71
N ALA A 141 -5.45 2.44 -12.06
CA ALA A 141 -6.85 2.84 -12.16
C ALA A 141 -7.00 4.36 -12.28
N HIS A 142 -8.17 4.77 -12.76
CA HIS A 142 -8.45 6.22 -12.80
C HIS A 142 -8.64 6.72 -11.41
N LYS A 143 -8.01 7.84 -11.09
CA LYS A 143 -8.21 8.41 -9.78
C LYS A 143 -9.64 8.88 -9.61
N PRO A 144 -10.32 8.51 -8.50
CA PRO A 144 -11.62 9.09 -8.19
C PRO A 144 -11.57 10.61 -8.11
N LYS A 145 -12.54 11.28 -8.70
CA LYS A 145 -12.49 12.72 -8.76
C LYS A 145 -12.56 13.38 -7.39
N ASN A 146 -13.15 12.72 -6.44
CA ASN A 146 -13.30 13.30 -5.10
C ASN A 146 -12.11 13.11 -4.20
N LEU A 147 -11.13 12.35 -4.63
CA LEU A 147 -9.92 12.16 -3.83
C LEU A 147 -8.79 13.06 -4.32
N SER A 148 -8.05 13.60 -3.37
CA SER A 148 -6.86 14.32 -3.75
C SER A 148 -5.78 13.38 -4.20
N PHE A 149 -4.69 13.94 -4.74
CA PHE A 149 -3.59 13.11 -5.14
C PHE A 149 -2.91 12.49 -3.93
N ILE A 150 -2.81 13.23 -2.82
CA ILE A 150 -2.26 12.68 -1.57
C ILE A 150 -3.12 11.46 -1.14
N GLU A 151 -4.42 11.68 -1.12
CA GLU A 151 -5.35 10.62 -0.69
C GLU A 151 -5.23 9.38 -1.60
N ALA A 152 -5.20 9.60 -2.87
CA ALA A 152 -5.15 8.50 -3.83
C ALA A 152 -3.85 7.75 -3.70
N ALA A 153 -2.73 8.45 -3.58
CA ALA A 153 -1.43 7.81 -3.45
C ALA A 153 -1.35 6.91 -2.24
N SER A 154 -2.10 7.27 -1.19
CA SER A 154 -2.09 6.54 0.06
C SER A 154 -2.69 5.15 -0.08
N LEU A 155 -3.52 4.92 -1.09
CA LEU A 155 -4.38 3.73 -1.13
C LEU A 155 -3.80 2.40 -1.66
N PRO A 156 -3.13 2.38 -2.80
CA PRO A 156 -3.16 1.11 -3.56
C PRO A 156 -2.59 -0.14 -2.84
N LEU A 157 -1.31 -0.16 -2.46
CA LEU A 157 -0.76 -1.37 -1.90
C LEU A 157 -1.62 -1.80 -0.68
N ALA A 158 -1.92 -0.85 0.21
CA ALA A 158 -2.61 -1.22 1.42
C ALA A 158 -4.04 -1.72 1.20
N ILE A 159 -4.80 -0.95 0.40
CA ILE A 159 -6.19 -1.32 0.18
C ILE A 159 -6.33 -2.65 -0.60
N GLU A 160 -5.39 -2.84 -1.51
CA GLU A 160 -5.42 -4.10 -2.28
C GLU A 160 -5.01 -5.31 -1.45
N THR A 161 -4.04 -5.08 -0.56
CA THR A 161 -3.67 -6.17 0.39
C THR A 161 -4.84 -6.48 1.29
N ALA A 162 -5.52 -5.46 1.82
CA ALA A 162 -6.69 -5.68 2.65
C ALA A 162 -7.72 -6.49 1.91
N HIS A 163 -8.06 -6.06 0.71
CA HIS A 163 -9.05 -6.70 -0.12
C HIS A 163 -8.71 -8.16 -0.40
N GLU A 164 -7.49 -8.38 -0.86
CA GLU A 164 -7.08 -9.73 -1.26
C GLU A 164 -7.08 -10.67 -0.03
N GLY A 165 -6.61 -10.19 1.12
CA GLY A 165 -6.61 -11.07 2.31
C GLY A 165 -8.00 -11.46 2.71
N LEU A 166 -8.91 -10.53 2.67
CA LEU A 166 -10.32 -10.82 3.02
C LEU A 166 -10.94 -11.77 2.01
N GLU A 167 -10.64 -11.65 0.72
CA GLU A 167 -11.13 -12.64 -0.27
C GLU A 167 -10.51 -14.01 -0.05
N ARG A 168 -9.22 -14.05 0.28
CA ARG A 168 -8.57 -15.32 0.59
C ARG A 168 -9.17 -16.01 1.81
N ALA A 169 -9.56 -15.17 2.76
CA ALA A 169 -10.25 -15.72 3.97
C ALA A 169 -11.69 -16.02 3.74
N GLU A 170 -12.24 -15.77 2.55
CA GLU A 170 -13.64 -16.08 2.22
C GLU A 170 -14.62 -15.27 3.05
N LEU A 171 -14.23 -14.08 3.48
CA LEU A 171 -15.19 -13.21 4.19
C LEU A 171 -16.36 -12.94 3.29
N SER A 172 -17.54 -12.94 3.90
CA SER A 172 -18.80 -12.67 3.21
C SER A 172 -19.84 -12.26 4.25
N ALA A 173 -21.00 -11.86 3.76
CA ALA A 173 -21.99 -11.22 4.58
C ALA A 173 -22.33 -12.03 5.80
N GLY A 174 -22.37 -11.33 6.93
CA GLY A 174 -22.83 -11.95 8.16
C GLY A 174 -21.75 -12.57 9.01
N LYS A 175 -20.56 -12.76 8.49
CA LYS A 175 -19.48 -13.41 9.20
C LYS A 175 -18.77 -12.41 10.11
N SER A 176 -18.03 -12.92 11.07
CA SER A 176 -17.21 -12.08 11.97
C SER A 176 -15.76 -12.12 11.65
N VAL A 177 -15.06 -11.02 11.94
CA VAL A 177 -13.65 -10.92 11.62
C VAL A 177 -12.90 -10.19 12.73
N LEU A 178 -11.73 -10.70 13.04
CA LEU A 178 -10.78 -10.09 13.97
C LEU A 178 -9.56 -9.68 13.16
N VAL A 179 -9.18 -8.40 13.31
CA VAL A 179 -8.02 -7.77 12.61
C VAL A 179 -6.96 -7.51 13.65
N LEU A 180 -5.79 -8.11 13.50
CA LEU A 180 -4.65 -7.84 14.39
C LEU A 180 -3.79 -6.75 13.76
N GLY A 181 -3.76 -5.56 14.32
CA GLY A 181 -3.08 -4.39 13.73
C GLY A 181 -4.00 -3.46 12.99
N GLY A 182 -5.06 -3.01 13.65
CA GLY A 182 -6.06 -2.22 13.00
C GLY A 182 -5.71 -0.81 12.60
N ALA A 183 -4.68 -0.21 13.17
CA ALA A 183 -4.42 1.23 12.98
C ALA A 183 -3.36 1.56 11.91
N GLY A 184 -2.76 0.57 11.27
CA GLY A 184 -1.72 0.79 10.28
C GLY A 184 -2.29 1.03 8.89
N GLY A 185 -1.36 1.12 7.94
CA GLY A 185 -1.72 1.34 6.55
C GLY A 185 -2.66 0.31 6.02
N VAL A 186 -2.40 -0.96 6.32
CA VAL A 186 -3.25 -2.03 5.85
C VAL A 186 -4.47 -2.22 6.73
N GLY A 187 -4.24 -2.28 8.04
CA GLY A 187 -5.31 -2.59 8.98
C GLY A 187 -6.48 -1.64 8.93
N THR A 188 -6.24 -0.35 8.68
CA THR A 188 -7.30 0.63 8.57
C THR A 188 -8.22 0.28 7.40
N HIS A 189 -7.67 -0.29 6.33
CA HIS A 189 -8.50 -0.73 5.24
C HIS A 189 -9.11 -2.10 5.46
N ILE A 190 -8.43 -2.99 6.17
CA ILE A 190 -9.08 -4.27 6.50
C ILE A 190 -10.41 -3.96 7.22
N ILE A 191 -10.35 -3.10 8.21
CA ILE A 191 -11.56 -2.76 8.99
C ILE A 191 -12.63 -2.23 8.06
N GLN A 192 -12.30 -1.18 7.30
CA GLN A 192 -13.31 -0.55 6.51
C GLN A 192 -13.90 -1.47 5.44
N LEU A 193 -13.02 -2.21 4.79
CA LEU A 193 -13.52 -3.17 3.78
C LEU A 193 -14.38 -4.26 4.41
N ALA A 194 -13.92 -4.77 5.53
CA ALA A 194 -14.67 -5.88 6.16
C ALA A 194 -16.08 -5.43 6.47
N LYS A 195 -16.22 -4.23 7.03
CA LYS A 195 -17.54 -3.74 7.45
C LYS A 195 -18.33 -3.31 6.24
N HIS A 196 -17.75 -2.48 5.36
CA HIS A 196 -18.51 -1.77 4.39
C HIS A 196 -18.59 -2.36 3.00
N VAL A 197 -17.68 -3.27 2.68
CA VAL A 197 -17.62 -3.96 1.36
C VAL A 197 -18.02 -5.46 1.45
N PHE A 198 -17.52 -6.15 2.47
CA PHE A 198 -17.75 -7.62 2.66
C PHE A 198 -18.93 -7.93 3.59
N GLY A 199 -19.55 -6.92 4.18
CA GLY A 199 -20.78 -7.14 4.96
C GLY A 199 -20.61 -7.90 6.28
N ALA A 200 -19.45 -7.79 6.89
CA ALA A 200 -19.21 -8.51 8.16
C ALA A 200 -20.24 -8.08 9.19
N SER A 201 -20.72 -9.04 9.99
CA SER A 201 -21.60 -8.74 11.12
C SER A 201 -20.90 -8.09 12.29
N LYS A 202 -19.66 -8.52 12.52
CA LYS A 202 -18.93 -7.99 13.66
C LYS A 202 -17.45 -7.90 13.24
N VAL A 203 -16.88 -6.74 13.44
CA VAL A 203 -15.49 -6.48 13.23
C VAL A 203 -14.80 -6.10 14.53
N ALA A 204 -13.83 -6.91 14.94
CA ALA A 204 -13.01 -6.63 16.08
C ALA A 204 -11.58 -6.35 15.59
N ALA A 205 -10.85 -5.48 16.30
CA ALA A 205 -9.49 -5.12 15.87
C ALA A 205 -8.66 -4.70 17.07
N THR A 206 -7.36 -4.96 16.97
CA THR A 206 -6.42 -4.62 18.02
C THR A 206 -5.57 -3.41 17.65
N ALA A 207 -5.30 -2.61 18.69
CA ALA A 207 -4.39 -1.50 18.62
C ALA A 207 -4.04 -1.08 20.03
N SER A 208 -3.16 -0.10 20.18
CA SER A 208 -2.80 0.40 21.50
C SER A 208 -3.79 1.47 21.96
N THR A 209 -3.63 1.89 23.20
CA THR A 209 -4.64 2.60 23.96
C THR A 209 -5.27 3.81 23.26
N LYS A 210 -4.42 4.66 22.65
CA LYS A 210 -4.88 5.92 22.09
C LYS A 210 -5.53 5.80 20.72
N LYS A 211 -5.50 4.59 20.16
CA LYS A 211 -5.94 4.36 18.78
C LYS A 211 -7.30 3.66 18.70
N LEU A 212 -7.89 3.34 19.85
CA LEU A 212 -9.16 2.60 19.81
C LEU A 212 -10.33 3.37 19.19
N ASP A 213 -10.38 4.68 19.44
CA ASP A 213 -11.47 5.46 18.91
C ASP A 213 -11.39 5.48 17.39
N LEU A 214 -10.20 5.57 16.83
CA LEU A 214 -10.04 5.49 15.37
C LEU A 214 -10.55 4.18 14.82
N LEU A 215 -10.23 3.08 15.47
CA LEU A 215 -10.74 1.79 15.03
C LEU A 215 -12.26 1.77 14.97
N ARG A 216 -12.90 2.31 15.99
CA ARG A 216 -14.34 2.31 16.03
C ARG A 216 -14.91 3.18 14.91
N THR A 217 -14.29 4.34 14.71
CA THR A 217 -14.71 5.27 13.65
C THR A 217 -14.65 4.63 12.26
N LEU A 218 -13.66 3.81 12.03
CA LEU A 218 -13.51 3.10 10.74
C LEU A 218 -14.43 1.93 10.52
N GLY A 219 -15.10 1.45 11.57
CA GLY A 219 -16.06 0.37 11.45
C GLY A 219 -15.91 -0.79 12.42
N ALA A 220 -14.92 -0.73 13.31
CA ALA A 220 -14.80 -1.78 14.31
C ALA A 220 -15.89 -1.68 15.37
N ASP A 221 -16.55 -2.80 15.59
CA ASP A 221 -17.54 -2.94 16.64
C ASP A 221 -16.91 -3.17 17.98
N LEU A 222 -15.69 -3.73 17.97
CA LEU A 222 -14.96 -4.03 19.18
C LEU A 222 -13.51 -3.66 18.93
N ALA A 223 -13.02 -2.71 19.72
CA ALA A 223 -11.64 -2.32 19.66
C ALA A 223 -10.96 -2.82 20.93
N ILE A 224 -9.90 -3.57 20.72
CA ILE A 224 -9.23 -4.31 21.78
C ILE A 224 -7.84 -3.69 21.98
N ASP A 225 -7.53 -3.28 23.21
CA ASP A 225 -6.27 -2.67 23.53
C ASP A 225 -5.28 -3.77 23.80
N TYR A 226 -4.38 -4.06 22.86
CA TYR A 226 -3.41 -5.17 23.03
C TYR A 226 -2.42 -4.95 24.14
N THR A 227 -2.28 -3.70 24.60
CA THR A 227 -1.36 -3.42 25.70
C THR A 227 -2.02 -3.73 27.06
N LYS A 228 -3.33 -4.01 27.06
CA LYS A 228 -4.06 -4.32 28.30
C LYS A 228 -4.72 -5.68 28.34
N GLU A 229 -4.93 -6.29 27.18
CA GLU A 229 -5.49 -7.63 27.17
C GLU A 229 -5.07 -8.42 25.97
N ASN A 230 -5.28 -9.72 26.08
CA ASN A 230 -4.81 -10.72 25.12
C ASN A 230 -5.99 -11.26 24.34
N PHE A 231 -6.09 -10.91 23.06
CA PHE A 231 -7.27 -11.25 22.29
C PHE A 231 -7.53 -12.75 22.27
N GLU A 232 -6.45 -13.54 22.25
CA GLU A 232 -6.56 -14.96 22.04
C GLU A 232 -7.18 -15.63 23.25
N ASP A 233 -7.17 -14.93 24.39
CA ASP A 233 -7.76 -15.45 25.62
C ASP A 233 -9.23 -15.04 25.80
N LEU A 234 -9.79 -14.26 24.90
CA LEU A 234 -11.22 -13.98 24.93
C LEU A 234 -11.99 -15.24 24.51
N PRO A 235 -13.19 -15.45 25.05
CA PRO A 235 -14.01 -16.61 24.70
C PRO A 235 -14.58 -16.48 23.28
N GLU A 236 -14.72 -15.24 22.82
CA GLU A 236 -15.21 -14.98 21.49
C GLU A 236 -14.24 -15.49 20.44
N LYS A 237 -14.73 -16.32 19.53
CA LYS A 237 -13.95 -16.79 18.35
C LYS A 237 -14.61 -16.30 17.06
N PHE A 238 -13.80 -16.16 16.04
CA PHE A 238 -14.18 -15.43 14.84
C PHE A 238 -14.15 -16.32 13.58
N ASP A 239 -14.99 -15.98 12.59
CA ASP A 239 -14.97 -16.73 11.33
C ASP A 239 -13.68 -16.50 10.54
N VAL A 240 -13.17 -15.27 10.65
CA VAL A 240 -11.94 -14.87 9.97
C VAL A 240 -11.05 -14.17 10.97
N VAL A 241 -9.76 -14.49 10.92
CA VAL A 241 -8.73 -13.70 11.60
C VAL A 241 -7.69 -13.26 10.56
N TYR A 242 -7.53 -11.93 10.49
CA TYR A 242 -6.51 -11.34 9.53
C TYR A 242 -5.45 -10.67 10.36
N ASP A 243 -4.30 -11.34 10.35
CA ASP A 243 -3.12 -10.90 11.03
C ASP A 243 -2.28 -9.95 10.15
N ALA A 244 -2.13 -8.72 10.61
CA ALA A 244 -1.27 -7.72 9.94
C ALA A 244 -0.09 -7.32 10.79
N VAL A 245 0.27 -8.16 11.75
N VAL A 245 0.25 -8.06 11.88
CA VAL A 245 1.32 -7.85 12.63
CA VAL A 245 1.39 -7.79 12.79
C VAL A 245 2.44 -8.91 12.51
C VAL A 245 2.33 -8.99 13.15
N GLY A 246 2.06 -10.16 12.58
CA GLY A 246 2.99 -11.29 12.71
C GLY A 246 2.77 -12.08 13.98
N GLU A 247 1.53 -12.32 14.30
CA GLU A 247 1.15 -13.04 15.53
C GLU A 247 0.28 -14.21 15.19
N THR A 248 0.68 -15.01 14.20
CA THR A 248 -0.17 -16.16 13.76
C THR A 248 -0.26 -17.23 14.84
N ASP A 249 0.72 -17.33 15.71
CA ASP A 249 0.64 -18.34 16.78
C ASP A 249 -0.59 -18.08 17.65
N LYS A 250 -0.86 -16.82 17.93
CA LYS A 250 -2.04 -16.43 18.67
C LYS A 250 -3.28 -16.37 17.80
N ALA A 251 -3.14 -15.94 16.55
CA ALA A 251 -4.29 -15.81 15.67
C ALA A 251 -5.03 -17.08 15.49
N VAL A 252 -4.29 -18.19 15.40
CA VAL A 252 -4.93 -19.46 15.20
C VAL A 252 -5.75 -19.89 16.40
N LYS A 253 -5.54 -19.27 17.54
CA LYS A 253 -6.29 -19.60 18.76
C LYS A 253 -7.59 -18.83 18.87
N ALA A 254 -7.79 -17.89 17.96
CA ALA A 254 -8.97 -17.02 17.97
C ALA A 254 -9.97 -17.31 16.87
N VAL A 255 -9.74 -18.33 16.06
CA VAL A 255 -10.58 -18.66 14.92
C VAL A 255 -11.54 -19.82 15.31
N LYS A 256 -12.75 -19.73 14.77
CA LYS A 256 -13.70 -20.82 14.88
C LYS A 256 -13.25 -22.02 14.07
N GLU A 257 -13.60 -23.22 14.48
CA GLU A 257 -13.38 -24.42 13.68
C GLU A 257 -14.01 -24.22 12.32
N GLY A 258 -13.25 -24.48 11.28
CA GLY A 258 -13.71 -24.23 9.95
C GLY A 258 -13.53 -22.82 9.41
N GLY A 259 -13.08 -21.92 10.25
CA GLY A 259 -12.83 -20.52 9.90
C GLY A 259 -11.49 -20.42 9.19
N LYS A 260 -11.11 -19.21 8.86
CA LYS A 260 -9.86 -18.98 8.08
C LYS A 260 -9.03 -17.91 8.76
N VAL A 261 -7.72 -18.20 8.76
CA VAL A 261 -6.72 -17.25 9.26
C VAL A 261 -5.72 -16.93 8.09
N VAL A 262 -5.61 -15.63 7.86
CA VAL A 262 -4.63 -15.16 6.87
C VAL A 262 -3.70 -14.20 7.56
N THR A 263 -2.47 -14.18 7.07
CA THR A 263 -1.50 -13.22 7.51
C THR A 263 -0.70 -12.66 6.34
N ILE A 264 -0.24 -11.45 6.56
CA ILE A 264 0.68 -10.80 5.64
C ILE A 264 2.08 -10.65 6.14
N VAL A 265 2.39 -11.24 7.33
CA VAL A 265 3.70 -11.17 7.93
C VAL A 265 4.10 -12.61 8.25
N GLY A 266 5.13 -13.12 7.61
CA GLY A 266 5.44 -14.60 7.75
C GLY A 266 6.45 -14.81 8.86
N PRO A 267 6.73 -16.07 9.22
CA PRO A 267 6.05 -17.29 8.74
C PRO A 267 4.75 -17.55 9.44
N ALA A 268 3.87 -18.26 8.71
CA ALA A 268 2.55 -18.60 9.06
C ALA A 268 2.48 -20.01 9.61
N THR A 269 1.97 -20.01 10.83
CA THR A 269 1.70 -21.26 11.50
C THR A 269 0.43 -21.94 10.99
N PRO A 270 0.50 -23.12 10.36
CA PRO A 270 -0.73 -23.73 9.89
C PRO A 270 -1.74 -23.81 11.05
N PRO A 271 -3.05 -23.54 10.79
CA PRO A 271 -3.67 -23.47 9.48
C PRO A 271 -3.68 -22.06 8.87
N ALA A 272 -3.00 -21.08 9.46
CA ALA A 272 -2.92 -19.78 8.84
C ALA A 272 -2.10 -19.88 7.58
N ILE A 273 -2.46 -19.04 6.63
CA ILE A 273 -1.70 -18.92 5.41
C ILE A 273 -1.11 -17.52 5.31
N LEU A 274 0.06 -17.43 4.71
CA LEU A 274 0.72 -16.20 4.33
C LEU A 274 0.54 -16.04 2.82
N PHE A 275 0.25 -14.83 2.38
CA PHE A 275 0.26 -14.47 0.97
C PHE A 275 0.98 -13.16 0.80
N VAL A 276 1.37 -12.87 -0.40
CA VAL A 276 1.85 -11.55 -0.79
C VAL A 276 0.91 -11.05 -1.87
N LEU A 277 0.39 -9.82 -1.77
CA LEU A 277 -0.62 -9.32 -2.70
C LEU A 277 -0.15 -9.38 -4.15
N THR A 278 -1.10 -9.41 -5.06
CA THR A 278 -0.87 -9.11 -6.45
C THR A 278 -1.48 -7.75 -6.71
N SER A 279 -0.67 -6.82 -7.23
CA SER A 279 -1.18 -5.47 -7.56
C SER A 279 -1.96 -5.50 -8.86
N LYS A 280 -3.20 -5.00 -8.81
CA LYS A 280 -4.14 -4.99 -9.90
C LYS A 280 -4.99 -3.74 -9.90
N GLY A 281 -4.96 -2.98 -11.00
CA GLY A 281 -5.79 -1.83 -11.13
C GLY A 281 -7.25 -2.19 -11.07
N SER A 282 -7.59 -3.40 -11.51
CA SER A 282 -9.00 -3.85 -11.51
C SER A 282 -9.61 -3.83 -10.08
N VAL A 283 -8.79 -4.08 -9.08
CA VAL A 283 -9.27 -4.06 -7.70
C VAL A 283 -9.67 -2.64 -7.29
N LEU A 284 -8.82 -1.70 -7.68
CA LEU A 284 -9.17 -0.28 -7.43
C LEU A 284 -10.42 0.12 -8.16
N GLU A 285 -10.59 -0.33 -9.40
CA GLU A 285 -11.78 -0.03 -10.13
C GLU A 285 -13.03 -0.64 -9.47
N LYS A 286 -12.90 -1.84 -8.93
CA LYS A 286 -14.02 -2.50 -8.21
C LYS A 286 -14.41 -1.65 -6.98
N LEU A 287 -13.41 -1.10 -6.31
CA LEU A 287 -13.62 -0.33 -5.09
C LEU A 287 -14.05 1.12 -5.35
N LYS A 288 -13.98 1.59 -6.61
CA LYS A 288 -14.27 2.99 -6.92
C LYS A 288 -15.59 3.55 -6.30
N PRO A 289 -16.69 2.81 -6.40
CA PRO A 289 -17.92 3.39 -5.89
C PRO A 289 -17.86 3.67 -4.38
N TYR A 290 -17.18 2.82 -3.66
CA TYR A 290 -17.05 3.03 -2.19
C TYR A 290 -16.15 4.19 -1.90
N LEU A 291 -15.16 4.40 -2.74
CA LEU A 291 -14.28 5.53 -2.56
C LEU A 291 -14.96 6.87 -2.94
N GLU A 292 -15.81 6.84 -3.95
CA GLU A 292 -16.54 8.02 -4.40
C GLU A 292 -17.62 8.41 -3.42
N SER A 293 -18.25 7.43 -2.81
CA SER A 293 -19.35 7.69 -1.84
C SER A 293 -18.82 8.07 -0.45
N GLY A 294 -17.55 7.75 -0.19
CA GLY A 294 -16.97 7.96 1.14
C GLY A 294 -17.25 6.83 2.13
N LYS A 295 -17.86 5.76 1.68
CA LYS A 295 -18.06 4.58 2.54
C LYS A 295 -16.72 4.00 2.99
N VAL A 296 -15.76 4.03 2.09
CA VAL A 296 -14.36 3.70 2.41
C VAL A 296 -13.52 4.97 2.14
N LYS A 297 -12.73 5.34 3.15
CA LYS A 297 -11.96 6.58 3.14
C LYS A 297 -10.49 6.32 3.20
N PRO A 298 -9.68 7.19 2.59
CA PRO A 298 -8.27 7.18 2.86
C PRO A 298 -8.01 7.54 4.32
N VAL A 299 -6.91 6.99 4.86
CA VAL A 299 -6.48 7.28 6.21
C VAL A 299 -5.05 7.71 6.16
N LEU A 300 -4.83 9.00 6.52
CA LEU A 300 -3.51 9.59 6.48
CA LEU A 300 -3.50 9.58 6.48
C LEU A 300 -2.98 9.82 7.88
N ASP A 301 -1.70 9.50 8.09
CA ASP A 301 -1.05 9.82 9.33
C ASP A 301 -1.04 11.35 9.50
N PRO A 302 -1.20 11.83 10.74
CA PRO A 302 -1.19 13.28 10.94
C PRO A 302 0.08 13.98 10.46
N THR A 303 1.19 13.25 10.38
CA THR A 303 2.42 13.86 9.88
C THR A 303 2.48 13.96 8.36
N SER A 304 1.57 13.30 7.65
CA SER A 304 1.51 13.41 6.18
C SER A 304 0.91 14.74 5.80
N PRO A 305 1.33 15.31 4.67
CA PRO A 305 2.38 14.85 3.79
C PRO A 305 3.78 15.31 4.17
N TYR A 306 4.76 14.53 3.75
CA TYR A 306 6.14 14.91 3.86
C TYR A 306 6.61 15.48 2.52
N PRO A 307 7.24 16.67 2.53
CA PRO A 307 7.80 17.16 1.29
C PRO A 307 8.88 16.19 0.69
N PHE A 308 9.14 16.32 -0.62
CA PHE A 308 10.09 15.46 -1.31
C PHE A 308 11.51 15.62 -0.74
N THR A 309 11.82 16.75 -0.11
CA THR A 309 13.08 16.91 0.63
C THR A 309 13.20 16.05 1.88
N LYS A 310 12.10 15.53 2.40
CA LYS A 310 12.06 14.89 3.69
C LYS A 310 11.79 13.41 3.62
N VAL A 311 12.17 12.77 2.51
CA VAL A 311 11.91 11.37 2.34
C VAL A 311 12.64 10.54 3.40
N VAL A 312 13.85 10.90 3.76
CA VAL A 312 14.57 10.08 4.80
C VAL A 312 13.80 10.11 6.13
N GLU A 313 13.30 11.27 6.50
CA GLU A 313 12.49 11.45 7.73
C GLU A 313 11.18 10.70 7.64
N ALA A 314 10.56 10.70 6.47
CA ALA A 314 9.31 9.93 6.28
C ALA A 314 9.60 8.46 6.53
N PHE A 315 10.65 7.93 5.94
CA PHE A 315 11.03 6.53 6.19
C PHE A 315 11.30 6.28 7.69
N GLY A 316 12.01 7.18 8.32
CA GLY A 316 12.33 6.98 9.73
C GLY A 316 11.07 6.86 10.57
N TYR A 317 10.08 7.68 10.26
CA TYR A 317 8.79 7.61 10.95
C TYR A 317 8.09 6.28 10.66
N LEU A 318 8.00 5.87 9.41
CA LEU A 318 7.34 4.60 9.08
C LEU A 318 8.05 3.44 9.78
N GLU A 319 9.37 3.47 9.82
CA GLU A 319 10.17 2.42 10.43
C GLU A 319 9.95 2.32 11.95
N SER A 320 9.35 3.34 12.55
CA SER A 320 9.07 3.31 14.01
C SER A 320 7.94 2.35 14.34
N SER A 321 7.19 1.90 13.33
CA SER A 321 6.05 0.97 13.50
C SER A 321 4.82 1.60 14.14
N ARG A 322 4.80 2.93 14.28
CA ARG A 322 3.71 3.65 14.94
C ARG A 322 2.77 4.39 13.99
N ALA A 323 3.01 4.33 12.69
CA ALA A 323 2.15 5.10 11.75
C ALA A 323 0.65 4.74 11.98
N THR A 324 -0.18 5.76 11.92
CA THR A 324 -1.63 5.63 11.94
C THR A 324 -2.07 5.86 10.49
N GLY A 325 -2.55 4.87 9.77
CA GLY A 325 -2.76 5.06 8.33
C GLY A 325 -1.47 5.34 7.62
N LYS A 326 -1.49 6.18 6.59
CA LYS A 326 -0.45 6.23 5.57
C LYS A 326 0.49 7.43 5.69
N VAL A 327 1.73 7.16 5.35
CA VAL A 327 2.78 8.14 5.18
C VAL A 327 2.92 8.43 3.69
N VAL A 328 2.66 9.69 3.33
CA VAL A 328 2.63 10.15 1.92
C VAL A 328 3.58 11.29 1.77
N VAL A 329 4.22 11.27 0.59
CA VAL A 329 5.20 12.29 0.15
C VAL A 329 4.55 13.12 -0.92
N TYR A 330 4.56 14.43 -0.67
CA TYR A 330 3.94 15.43 -1.57
C TYR A 330 4.41 16.80 -1.10
N PRO A 331 4.68 17.76 -2.02
CA PRO A 331 4.68 17.61 -3.45
C PRO A 331 5.94 17.00 -4.03
N ILE A 332 5.79 16.22 -5.06
CA ILE A 332 6.94 15.63 -5.80
C ILE A 332 7.02 16.38 -7.12
#